data_5KO7
#
_entry.id   5KO7
#
_cell.length_a   92.185
_cell.length_b   110.881
_cell.length_c   43.288
_cell.angle_alpha   90.00
_cell.angle_beta   90.00
_cell.angle_gamma   90.00
#
_symmetry.space_group_name_H-M   'P 21 21 2'
#
loop_
_entity.id
_entity.type
_entity.pdbx_description
1 polymer Nitroreductase
2 non-polymer 'FLAVIN MONONUCLEOTIDE'
3 water water
#
_entity_poly.entity_id   1
_entity_poly.type   'polypeptide(L)'
_entity_poly.pdbx_seq_one_letter_code
;MKQKPAFIPYAGAQFEPEEMLSKSAEYYQFMDHRRTVREFSNRAIPLEVIENIVMTASTAPSGAHKQPWTFVVVSDPQIK
AKIRQAAEKEEFESYNGRMSNEWLEDLQPFGTDWHKPFLEIAPYLIVVFRKAYDVLPDGTQRKNYYVQESVGIACGFLLA
AIHQAGLVALTHTPSPMNFLQKILQRPENERPFLLVPVGYPAEGAMVPDLQRKDKAAVMVVYHHHHHH
;
_entity_poly.pdbx_strand_id   A,B
#
# COMPACT_ATOMS: atom_id res chain seq x y z
N PRO A 5 -4.60 -18.54 20.45
CA PRO A 5 -5.75 -17.66 20.55
C PRO A 5 -5.64 -16.67 21.72
N ALA A 6 -4.40 -16.28 22.03
CA ALA A 6 -4.15 -15.35 23.14
C ALA A 6 -4.51 -13.93 22.74
N PHE A 7 -4.47 -13.02 23.72
CA PHE A 7 -4.89 -11.64 23.51
C PHE A 7 -4.04 -10.68 24.33
N ILE A 8 -3.84 -9.49 23.78
CA ILE A 8 -2.98 -8.46 24.39
C ILE A 8 -3.64 -7.09 24.23
N PRO A 9 -3.50 -6.22 25.24
CA PRO A 9 -4.03 -4.86 25.09
C PRO A 9 -3.28 -4.04 24.05
N TYR A 10 -4.00 -3.25 23.26
CA TYR A 10 -3.38 -2.45 22.21
C TYR A 10 -2.48 -1.37 22.78
N ALA A 11 -1.20 -1.41 22.39
CA ALA A 11 -0.22 -0.42 22.82
C ALA A 11 0.07 0.55 21.67
N GLY A 12 -0.75 1.59 21.57
CA GLY A 12 -0.61 2.57 20.50
C GLY A 12 -0.64 4.00 21.00
N ALA A 13 0.42 4.74 20.69
CA ALA A 13 0.51 6.14 21.07
C ALA A 13 -0.54 6.96 20.33
N GLN A 14 -1.49 7.50 21.08
CA GLN A 14 -2.51 8.38 20.51
C GLN A 14 -2.30 9.80 21.00
N PHE A 15 -2.82 10.76 20.24
CA PHE A 15 -2.65 12.17 20.55
C PHE A 15 -4.00 12.89 20.49
N GLU A 16 -4.10 14.00 21.22
CA GLU A 16 -5.30 14.80 21.20
C GLU A 16 -5.55 15.29 19.76
N PRO A 17 -6.82 15.57 19.41
CA PRO A 17 -7.19 15.99 18.05
C PRO A 17 -6.33 17.14 17.52
N GLU A 18 -5.71 17.91 18.42
CA GLU A 18 -4.83 18.99 18.01
C GLU A 18 -3.55 18.44 17.39
N GLU A 19 -2.88 17.55 18.11
CA GLU A 19 -1.62 16.97 17.65
C GLU A 19 -1.85 16.04 16.46
N MET A 20 -3.06 15.52 16.33
CA MET A 20 -3.41 14.66 15.21
C MET A 20 -3.39 15.43 13.89
N LEU A 21 -3.72 16.71 13.94
CA LEU A 21 -3.80 17.53 12.75
C LEU A 21 -2.42 17.81 12.16
N SER A 22 -1.51 18.30 13.00
CA SER A 22 -0.15 18.60 12.56
C SER A 22 0.52 17.33 12.06
N LYS A 23 0.28 16.22 12.77
CA LYS A 23 0.82 14.93 12.36
C LYS A 23 0.33 14.54 10.97
N SER A 24 -0.97 14.62 10.75
CA SER A 24 -1.57 14.22 9.48
C SER A 24 -1.19 15.20 8.37
N ALA A 25 -1.09 16.47 8.71
CA ALA A 25 -0.78 17.51 7.74
C ALA A 25 0.68 17.43 7.31
N GLU A 26 1.58 17.39 8.30
CA GLU A 26 3.01 17.29 8.03
C GLU A 26 3.34 16.04 7.24
N TYR A 27 2.65 14.94 7.54
CA TYR A 27 2.90 13.67 6.87
C TYR A 27 2.41 13.70 5.43
N TYR A 28 1.31 14.40 5.19
CA TYR A 28 0.79 14.55 3.82
C TYR A 28 1.79 15.30 2.96
N GLN A 29 2.33 16.38 3.49
CA GLN A 29 3.31 17.19 2.77
C GLN A 29 4.58 16.38 2.55
N PHE A 30 4.91 15.51 3.50
CA PHE A 30 6.11 14.70 3.39
C PHE A 30 5.95 13.67 2.25
N MET A 31 4.78 13.05 2.18
CA MET A 31 4.50 12.01 1.18
C MET A 31 4.25 12.61 -0.19
N ASP A 32 3.72 13.84 -0.20
CA ASP A 32 3.44 14.53 -1.44
C ASP A 32 4.75 14.84 -2.18
N HIS A 33 5.85 14.89 -1.43
CA HIS A 33 7.17 15.10 -2.02
C HIS A 33 7.71 13.86 -2.72
N ARG A 34 7.14 12.69 -2.39
CA ARG A 34 7.54 11.44 -3.04
C ARG A 34 7.24 11.50 -4.53
N ARG A 35 8.21 11.09 -5.33
CA ARG A 35 8.01 10.98 -6.77
C ARG A 35 8.70 9.74 -7.30
N THR A 36 8.08 9.09 -8.28
CA THR A 36 8.72 7.98 -8.97
C THR A 36 9.90 8.50 -9.75
N VAL A 37 11.07 7.92 -9.48
CA VAL A 37 12.32 8.31 -10.15
C VAL A 37 12.77 7.16 -11.04
N ARG A 38 13.26 7.50 -12.23
CA ARG A 38 13.62 6.51 -13.24
C ARG A 38 15.11 6.56 -13.61
N GLU A 39 15.83 7.47 -12.96
CA GLU A 39 17.27 7.60 -13.16
C GLU A 39 17.97 7.47 -11.82
N PHE A 40 18.65 6.35 -11.62
CA PHE A 40 19.22 5.99 -10.33
C PHE A 40 20.73 6.19 -10.27
N SER A 41 21.22 6.48 -9.07
CA SER A 41 22.65 6.43 -8.79
C SER A 41 23.01 5.00 -8.40
N ASN A 42 24.17 4.53 -8.87
CA ASN A 42 24.62 3.18 -8.55
C ASN A 42 25.35 3.13 -7.22
N ARG A 43 25.24 4.22 -6.45
CA ARG A 43 25.82 4.31 -5.12
C ARG A 43 25.32 3.17 -4.24
N ALA A 44 26.23 2.61 -3.44
CA ALA A 44 25.92 1.43 -2.63
C ALA A 44 25.03 1.78 -1.44
N ILE A 45 24.17 0.83 -1.07
CA ILE A 45 23.29 0.97 0.08
C ILE A 45 23.37 -0.29 0.94
N PRO A 46 23.54 -0.12 2.27
CA PRO A 46 23.59 -1.31 3.14
C PRO A 46 22.33 -2.16 3.03
N LEU A 47 22.52 -3.47 2.93
CA LEU A 47 21.40 -4.40 2.81
C LEU A 47 20.41 -4.27 3.96
N GLU A 48 20.90 -3.89 5.13
CA GLU A 48 20.06 -3.77 6.32
C GLU A 48 18.96 -2.73 6.13
N VAL A 49 19.25 -1.69 5.36
CA VAL A 49 18.26 -0.68 5.03
C VAL A 49 17.12 -1.34 4.25
N ILE A 50 17.50 -2.10 3.24
CA ILE A 50 16.52 -2.80 2.40
C ILE A 50 15.77 -3.84 3.22
N GLU A 51 16.47 -4.52 4.13
CA GLU A 51 15.84 -5.52 4.99
C GLU A 51 14.78 -4.89 5.88
N ASN A 52 15.14 -3.76 6.51
CA ASN A 52 14.19 -3.03 7.34
C ASN A 52 12.99 -2.55 6.52
N ILE A 53 13.28 -2.01 5.33
CA ILE A 53 12.24 -1.54 4.42
C ILE A 53 11.29 -2.68 4.05
N VAL A 54 11.85 -3.83 3.70
CA VAL A 54 11.05 -5.00 3.37
C VAL A 54 10.29 -5.49 4.61
N MET A 55 10.96 -5.46 5.76
CA MET A 55 10.32 -5.86 7.00
C MET A 55 9.18 -4.91 7.34
N THR A 56 9.38 -3.62 7.05
CA THR A 56 8.35 -2.62 7.31
C THR A 56 7.13 -2.90 6.43
N ALA A 57 7.36 -3.40 5.23
CA ALA A 57 6.27 -3.77 4.33
C ALA A 57 5.51 -4.97 4.89
N SER A 58 6.24 -5.87 5.54
CA SER A 58 5.65 -7.12 6.01
C SER A 58 4.75 -6.90 7.23
N THR A 59 4.81 -5.72 7.83
CA THR A 59 3.97 -5.39 8.97
C THR A 59 2.55 -5.03 8.54
N ALA A 60 2.32 -5.00 7.23
CA ALA A 60 1.01 -4.65 6.69
C ALA A 60 -0.05 -5.65 7.12
N PRO A 61 -1.32 -5.23 7.13
CA PRO A 61 -2.37 -6.20 7.41
C PRO A 61 -2.45 -7.22 6.28
N SER A 62 -3.03 -8.39 6.55
CA SER A 62 -3.16 -9.44 5.55
C SER A 62 -4.38 -10.30 5.82
N GLY A 63 -5.03 -10.77 4.77
CA GLY A 63 -6.20 -11.61 4.91
C GLY A 63 -5.91 -12.83 5.76
N ALA A 64 -6.52 -12.88 6.94
CA ALA A 64 -6.34 -13.98 7.87
C ALA A 64 -4.88 -14.14 8.32
N HIS A 65 -4.15 -13.02 8.35
CA HIS A 65 -2.78 -12.99 8.84
C HIS A 65 -1.88 -14.00 8.09
N LYS A 66 -2.25 -14.31 6.86
CA LYS A 66 -1.45 -15.21 6.03
C LYS A 66 -0.14 -14.56 5.59
N GLN A 67 -0.17 -13.24 5.46
CA GLN A 67 0.97 -12.50 4.91
C GLN A 67 1.45 -13.16 3.62
N PRO A 68 0.56 -13.29 2.63
CA PRO A 68 0.85 -14.07 1.44
C PRO A 68 1.74 -13.32 0.44
N TRP A 69 2.99 -13.12 0.81
CA TRP A 69 3.94 -12.43 -0.05
C TRP A 69 5.37 -12.91 0.17
N THR A 70 6.17 -12.78 -0.88
CA THR A 70 7.60 -13.07 -0.81
C THR A 70 8.36 -11.93 -1.49
N PHE A 71 9.22 -11.28 -0.71
CA PHE A 71 10.00 -10.16 -1.21
C PHE A 71 11.39 -10.63 -1.63
N VAL A 72 11.57 -10.77 -2.95
CA VAL A 72 12.85 -11.19 -3.49
C VAL A 72 13.76 -9.98 -3.73
N VAL A 73 14.69 -9.76 -2.82
CA VAL A 73 15.67 -8.68 -2.95
C VAL A 73 16.83 -9.15 -3.83
N VAL A 74 17.13 -8.36 -4.87
CA VAL A 74 18.12 -8.72 -5.85
C VAL A 74 19.18 -7.63 -5.99
N SER A 75 20.42 -7.97 -5.68
CA SER A 75 21.54 -7.06 -5.84
C SER A 75 22.58 -7.64 -6.80
N ASP A 76 22.44 -8.92 -7.11
CA ASP A 76 23.38 -9.61 -8.00
C ASP A 76 23.38 -8.96 -9.38
N PRO A 77 24.55 -8.44 -9.82
CA PRO A 77 24.60 -7.76 -11.12
C PRO A 77 24.15 -8.64 -12.30
N GLN A 78 24.53 -9.91 -12.27
CA GLN A 78 24.22 -10.80 -13.38
C GLN A 78 22.72 -11.09 -13.51
N ILE A 79 22.05 -11.24 -12.37
CA ILE A 79 20.61 -11.47 -12.37
C ILE A 79 19.86 -10.23 -12.87
N LYS A 80 20.31 -9.07 -12.42
CA LYS A 80 19.70 -7.80 -12.81
C LYS A 80 19.86 -7.57 -14.31
N ALA A 81 20.99 -8.02 -14.86
CA ALA A 81 21.23 -7.92 -16.29
C ALA A 81 20.29 -8.83 -17.07
N LYS A 82 20.09 -10.05 -16.57
CA LYS A 82 19.16 -10.98 -17.19
C LYS A 82 17.74 -10.43 -17.19
N ILE A 83 17.33 -9.92 -16.04
CA ILE A 83 15.97 -9.40 -15.87
C ILE A 83 15.74 -8.19 -16.76
N ARG A 84 16.73 -7.31 -16.83
CA ARG A 84 16.63 -6.11 -17.67
C ARG A 84 16.36 -6.49 -19.12
N GLN A 85 17.26 -7.29 -19.69
CA GLN A 85 17.15 -7.72 -21.07
C GLN A 85 15.79 -8.36 -21.35
N ALA A 86 15.29 -9.14 -20.39
CA ALA A 86 13.99 -9.77 -20.53
C ALA A 86 12.88 -8.72 -20.55
N ALA A 87 13.01 -7.70 -19.71
CA ALA A 87 12.02 -6.63 -19.64
C ALA A 87 12.06 -5.77 -20.90
N GLU A 88 13.27 -5.47 -21.37
CA GLU A 88 13.44 -4.67 -22.57
C GLU A 88 12.90 -5.40 -23.78
N LYS A 89 13.19 -6.69 -23.87
CA LYS A 89 12.78 -7.51 -25.02
C LYS A 89 11.27 -7.69 -25.08
N GLU A 90 10.61 -7.69 -23.92
CA GLU A 90 9.17 -7.90 -23.86
C GLU A 90 8.43 -6.60 -24.17
N GLU A 91 8.93 -5.49 -23.63
CA GLU A 91 8.35 -4.18 -23.88
C GLU A 91 8.70 -3.72 -25.30
N PHE A 92 9.77 -4.26 -25.85
CA PHE A 92 10.21 -3.93 -27.20
C PHE A 92 9.21 -4.42 -28.24
N GLU A 93 8.40 -5.41 -27.87
CA GLU A 93 7.42 -6.00 -28.78
C GLU A 93 6.05 -5.35 -28.60
N SER A 94 5.63 -4.62 -29.64
CA SER A 94 4.38 -3.88 -29.61
C SER A 94 3.99 -3.46 -31.03
N ASP A 113 10.61 4.36 -22.07
CA ASP A 113 10.87 3.54 -23.26
C ASP A 113 11.04 2.08 -22.89
N TRP A 114 11.26 1.25 -23.91
CA TRP A 114 11.68 -0.13 -23.68
C TRP A 114 13.08 -0.11 -23.07
N HIS A 115 13.81 0.97 -23.31
CA HIS A 115 15.14 1.16 -22.75
C HIS A 115 15.07 1.32 -21.23
N LYS A 116 15.64 0.36 -20.51
CA LYS A 116 15.52 0.32 -19.05
C LYS A 116 16.84 0.02 -18.36
N PRO A 117 17.76 1.00 -18.36
CA PRO A 117 19.05 0.83 -17.68
C PRO A 117 18.91 0.85 -16.16
N PHE A 118 17.76 1.28 -15.67
CA PHE A 118 17.55 1.41 -14.23
C PHE A 118 17.43 0.07 -13.51
N LEU A 119 17.16 -0.99 -14.26
CA LEU A 119 17.04 -2.33 -13.67
C LEU A 119 18.41 -2.91 -13.30
N GLU A 120 19.45 -2.40 -13.94
CA GLU A 120 20.82 -2.82 -13.64
C GLU A 120 21.54 -1.81 -12.75
N ILE A 121 21.26 -0.53 -12.96
CA ILE A 121 21.97 0.54 -12.26
C ILE A 121 21.51 0.69 -10.82
N ALA A 122 20.22 0.46 -10.57
CA ALA A 122 19.70 0.53 -9.21
C ALA A 122 20.39 -0.55 -8.35
N PRO A 123 20.88 -0.17 -7.16
CA PRO A 123 21.61 -1.16 -6.34
C PRO A 123 20.77 -2.38 -5.96
N TYR A 124 19.45 -2.23 -5.88
CA TYR A 124 18.57 -3.32 -5.46
C TYR A 124 17.28 -3.38 -6.28
N LEU A 125 16.94 -4.56 -6.76
CA LEU A 125 15.61 -4.83 -7.30
C LEU A 125 14.81 -5.62 -6.27
N ILE A 126 13.71 -5.02 -5.82
CA ILE A 126 12.79 -5.69 -4.92
C ILE A 126 11.63 -6.26 -5.73
N VAL A 127 11.66 -7.56 -5.95
CA VAL A 127 10.64 -8.24 -6.74
C VAL A 127 9.60 -8.85 -5.82
N VAL A 128 8.39 -8.28 -5.83
CA VAL A 128 7.33 -8.71 -4.96
C VAL A 128 6.51 -9.83 -5.59
N PHE A 129 6.33 -10.91 -4.84
CA PHE A 129 5.50 -12.04 -5.27
C PHE A 129 4.28 -12.16 -4.36
N ARG A 130 3.17 -12.64 -4.92
CA ARG A 130 1.95 -12.90 -4.15
C ARG A 130 1.69 -14.40 -4.06
N LYS A 131 1.38 -14.85 -2.85
CA LYS A 131 1.10 -16.26 -2.60
C LYS A 131 -0.39 -16.54 -2.65
N ALA A 132 -0.83 -17.24 -3.69
CA ALA A 132 -2.23 -17.59 -3.83
C ALA A 132 -2.66 -18.56 -2.74
N TYR A 133 -1.72 -19.40 -2.30
CA TYR A 133 -1.96 -20.36 -1.24
C TYR A 133 -0.66 -20.76 -0.55
N ASP A 134 -0.76 -21.09 0.73
CA ASP A 134 0.38 -21.64 1.47
C ASP A 134 0.44 -23.14 1.26
N VAL A 135 1.65 -23.70 1.31
CA VAL A 135 1.86 -25.13 1.15
C VAL A 135 2.49 -25.71 2.42
N LEU A 136 1.87 -26.75 2.94
CA LEU A 136 2.32 -27.39 4.18
C LEU A 136 3.23 -28.59 3.90
N PRO A 137 3.94 -29.06 4.93
CA PRO A 137 4.80 -30.24 4.78
C PRO A 137 4.06 -31.46 4.25
N ASP A 138 2.81 -31.65 4.68
CA ASP A 138 2.02 -32.80 4.24
C ASP A 138 1.50 -32.63 2.81
N GLY A 139 1.85 -31.52 2.16
CA GLY A 139 1.55 -31.31 0.76
C GLY A 139 0.24 -30.57 0.50
N THR A 140 -0.61 -30.48 1.52
CA THR A 140 -1.91 -29.84 1.37
C THR A 140 -1.78 -28.33 1.17
N GLN A 141 -2.76 -27.74 0.49
CA GLN A 141 -2.74 -26.32 0.17
C GLN A 141 -3.79 -25.55 0.96
N ARG A 142 -3.32 -24.64 1.81
CA ARG A 142 -4.22 -23.75 2.54
C ARG A 142 -4.32 -22.41 1.81
N LYS A 143 -5.42 -22.24 1.08
CA LYS A 143 -5.61 -21.05 0.26
C LYS A 143 -5.62 -19.78 1.09
N ASN A 144 -4.95 -18.75 0.57
CA ASN A 144 -4.93 -17.44 1.20
C ASN A 144 -6.14 -16.63 0.76
N TYR A 145 -6.44 -15.56 1.49
CA TYR A 145 -7.65 -14.77 1.23
C TYR A 145 -7.33 -13.30 0.97
N TYR A 146 -7.97 -12.74 -0.04
CA TYR A 146 -7.77 -11.34 -0.43
C TYR A 146 -6.29 -11.03 -0.58
N VAL A 147 -5.62 -11.80 -1.44
CA VAL A 147 -4.18 -11.70 -1.61
C VAL A 147 -3.78 -10.42 -2.35
N GLN A 148 -4.43 -10.16 -3.48
CA GLN A 148 -4.12 -8.97 -4.27
C GLN A 148 -4.17 -7.71 -3.41
N GLU A 149 -5.22 -7.59 -2.63
CA GLU A 149 -5.39 -6.45 -1.73
C GLU A 149 -4.27 -6.39 -0.70
N SER A 150 -4.03 -7.52 -0.04
CA SER A 150 -3.04 -7.60 1.04
C SER A 150 -1.65 -7.23 0.56
N VAL A 151 -1.24 -7.81 -0.57
CA VAL A 151 0.08 -7.58 -1.12
C VAL A 151 0.22 -6.14 -1.60
N GLY A 152 -0.85 -5.63 -2.21
CA GLY A 152 -0.88 -4.25 -2.67
C GLY A 152 -0.63 -3.29 -1.51
N ILE A 153 -1.29 -3.55 -0.39
CA ILE A 153 -1.13 -2.74 0.81
C ILE A 153 0.31 -2.81 1.30
N ALA A 154 0.89 -4.00 1.24
CA ALA A 154 2.27 -4.20 1.69
C ALA A 154 3.23 -3.41 0.80
N CYS A 155 2.96 -3.40 -0.50
CA CYS A 155 3.75 -2.60 -1.44
C CYS A 155 3.62 -1.12 -1.10
N GLY A 156 2.46 -0.72 -0.59
CA GLY A 156 2.27 0.63 -0.11
C GLY A 156 3.20 0.93 1.04
N PHE A 157 3.25 0.02 2.01
CA PHE A 157 4.16 0.15 3.15
C PHE A 157 5.61 0.16 2.68
N LEU A 158 5.91 -0.65 1.66
CA LEU A 158 7.26 -0.71 1.09
C LEU A 158 7.70 0.67 0.59
N LEU A 159 6.89 1.25 -0.29
CA LEU A 159 7.20 2.55 -0.89
C LEU A 159 7.19 3.67 0.15
N ALA A 160 6.35 3.52 1.16
CA ALA A 160 6.31 4.50 2.25
C ALA A 160 7.59 4.44 3.07
N ALA A 161 8.17 3.24 3.17
CA ALA A 161 9.41 3.03 3.91
C ALA A 161 10.62 3.46 3.10
N ILE A 162 10.60 3.14 1.81
CA ILE A 162 11.61 3.60 0.88
C ILE A 162 11.75 5.12 0.95
N HIS A 163 10.60 5.80 0.96
CA HIS A 163 10.58 7.26 1.04
C HIS A 163 11.04 7.75 2.41
N GLN A 164 10.77 6.97 3.45
CA GLN A 164 11.18 7.31 4.81
C GLN A 164 12.69 7.23 4.96
N ALA A 165 13.31 6.26 4.29
CA ALA A 165 14.75 6.08 4.35
C ALA A 165 15.48 7.20 3.62
N GLY A 166 14.76 7.93 2.77
CA GLY A 166 15.35 8.97 1.96
C GLY A 166 15.82 8.45 0.63
N LEU A 167 15.25 7.31 0.22
CA LEU A 167 15.56 6.68 -1.05
C LEU A 167 14.45 6.94 -2.05
N VAL A 168 14.68 6.53 -3.30
CA VAL A 168 13.68 6.64 -4.34
C VAL A 168 13.49 5.28 -4.99
N ALA A 169 12.38 5.12 -5.71
CA ALA A 169 12.05 3.85 -6.34
C ALA A 169 11.28 4.06 -7.63
N LEU A 170 11.19 2.98 -8.43
CA LEU A 170 10.40 2.98 -9.64
C LEU A 170 9.41 1.82 -9.61
N THR A 171 8.22 2.07 -9.09
CA THR A 171 7.16 1.07 -9.13
C THR A 171 6.97 0.65 -10.58
N HIS A 172 7.25 -0.63 -10.85
CA HIS A 172 7.28 -1.13 -12.22
C HIS A 172 6.47 -2.41 -12.36
N THR A 173 5.92 -2.62 -13.55
CA THR A 173 5.15 -3.83 -13.83
CA THR A 173 5.15 -3.83 -13.83
C THR A 173 6.02 -5.06 -13.69
N PRO A 174 5.47 -6.15 -13.13
CA PRO A 174 6.29 -7.35 -13.03
C PRO A 174 6.53 -8.01 -14.39
N SER A 175 7.36 -7.38 -15.22
CA SER A 175 7.57 -7.81 -16.60
C SER A 175 8.99 -8.29 -16.87
N PRO A 176 9.14 -9.42 -17.59
CA PRO A 176 8.11 -10.38 -17.99
C PRO A 176 7.90 -11.41 -16.89
N MET A 177 6.65 -11.75 -16.60
CA MET A 177 6.32 -12.56 -15.43
C MET A 177 7.01 -13.93 -15.42
N ASN A 178 6.96 -14.63 -16.55
CA ASN A 178 7.52 -15.98 -16.62
C ASN A 178 9.04 -15.99 -16.39
N PHE A 179 9.72 -14.98 -16.92
CA PHE A 179 11.17 -14.89 -16.73
C PHE A 179 11.48 -14.66 -15.26
N LEU A 180 10.81 -13.69 -14.64
CA LEU A 180 10.99 -13.38 -13.23
C LEU A 180 10.69 -14.60 -12.37
N GLN A 181 9.70 -15.38 -12.77
CA GLN A 181 9.33 -16.60 -12.05
C GLN A 181 10.49 -17.60 -12.06
N LYS A 182 11.00 -17.89 -13.26
CA LYS A 182 12.08 -18.86 -13.41
C LYS A 182 13.38 -18.40 -12.75
N ILE A 183 13.88 -17.24 -13.16
CA ILE A 183 15.20 -16.78 -12.73
C ILE A 183 15.30 -16.65 -11.22
N LEU A 184 14.17 -16.32 -10.57
CA LEU A 184 14.11 -16.23 -9.12
C LEU A 184 13.71 -17.58 -8.52
N GLN A 185 13.30 -18.50 -9.38
CA GLN A 185 13.07 -19.89 -8.98
C GLN A 185 11.94 -20.01 -7.98
N ARG A 186 11.00 -19.08 -8.01
CA ARG A 186 9.90 -19.09 -7.06
C ARG A 186 8.91 -20.21 -7.37
N PRO A 187 8.36 -20.86 -6.33
CA PRO A 187 7.43 -21.97 -6.54
C PRO A 187 6.14 -21.58 -7.27
N GLU A 188 5.33 -22.58 -7.61
CA GLU A 188 4.14 -22.37 -8.45
C GLU A 188 2.98 -21.76 -7.68
N ASN A 189 3.09 -21.67 -6.35
CA ASN A 189 2.08 -21.01 -5.55
C ASN A 189 2.24 -19.50 -5.59
N GLU A 190 3.39 -19.04 -6.08
CA GLU A 190 3.69 -17.61 -6.14
C GLU A 190 3.64 -17.05 -7.55
N ARG A 191 3.32 -15.77 -7.66
CA ARG A 191 3.34 -15.06 -8.93
C ARG A 191 3.92 -13.66 -8.75
N PRO A 192 4.72 -13.18 -9.71
CA PRO A 192 5.22 -11.80 -9.63
C PRO A 192 4.10 -10.77 -9.52
N PHE A 193 4.21 -9.88 -8.54
CA PHE A 193 3.19 -8.86 -8.28
C PHE A 193 3.67 -7.48 -8.71
N LEU A 194 4.89 -7.12 -8.32
CA LEU A 194 5.47 -5.83 -8.67
C LEU A 194 6.99 -5.87 -8.74
N LEU A 195 7.54 -5.06 -9.64
CA LEU A 195 8.98 -4.88 -9.76
C LEU A 195 9.33 -3.49 -9.25
N VAL A 196 10.26 -3.42 -8.29
CA VAL A 196 10.57 -2.16 -7.62
C VAL A 196 12.09 -1.97 -7.48
N PRO A 197 12.72 -1.37 -8.51
CA PRO A 197 14.09 -0.90 -8.33
C PRO A 197 14.16 0.16 -7.23
N VAL A 198 15.23 0.14 -6.45
CA VAL A 198 15.39 1.02 -5.31
C VAL A 198 16.82 1.54 -5.25
N GLY A 199 16.99 2.76 -4.79
CA GLY A 199 18.33 3.31 -4.60
C GLY A 199 18.33 4.82 -4.48
N TYR A 200 19.53 5.40 -4.50
CA TYR A 200 19.66 6.84 -4.54
C TYR A 200 19.20 7.36 -5.89
N PRO A 201 18.74 8.61 -5.95
CA PRO A 201 18.46 9.23 -7.25
C PRO A 201 19.75 9.70 -7.92
N ALA A 202 19.76 9.77 -9.24
CA ALA A 202 20.91 10.33 -9.96
C ALA A 202 21.04 11.80 -9.66
N GLU A 203 22.24 12.34 -9.87
CA GLU A 203 22.50 13.75 -9.64
C GLU A 203 21.66 14.64 -10.55
N GLY A 204 21.54 14.23 -11.81
CA GLY A 204 20.79 14.99 -12.80
C GLY A 204 19.39 14.46 -12.99
N ALA A 205 18.90 13.74 -11.98
CA ALA A 205 17.59 13.11 -12.07
C ALA A 205 16.48 14.14 -12.20
N MET A 206 15.58 13.91 -13.17
CA MET A 206 14.41 14.75 -13.34
C MET A 206 13.16 13.89 -13.47
N VAL A 207 12.04 14.39 -12.94
CA VAL A 207 10.76 13.72 -13.05
C VAL A 207 9.78 14.64 -13.77
N PRO A 208 8.77 14.04 -14.44
CA PRO A 208 7.81 14.85 -15.17
C PRO A 208 7.03 15.80 -14.27
N ASP A 209 6.70 16.99 -14.77
CA ASP A 209 5.94 17.96 -14.02
C ASP A 209 4.47 17.54 -13.95
N LEU A 210 4.20 16.52 -13.15
CA LEU A 210 2.84 16.00 -13.00
C LEU A 210 2.09 16.72 -11.88
N GLN A 211 0.77 16.73 -12.01
CA GLN A 211 -0.10 17.29 -10.97
C GLN A 211 -1.05 16.22 -10.46
N ARG A 212 -1.13 16.09 -9.14
CA ARG A 212 -2.02 15.11 -8.52
C ARG A 212 -3.42 15.69 -8.36
N LYS A 213 -4.43 14.83 -8.43
CA LYS A 213 -5.81 15.26 -8.26
C LYS A 213 -6.00 16.02 -6.94
N ASP A 214 -6.91 16.99 -6.94
CA ASP A 214 -7.28 17.68 -5.70
C ASP A 214 -8.33 16.85 -4.98
N LYS A 215 -8.62 17.19 -3.72
CA LYS A 215 -9.47 16.34 -2.89
C LYS A 215 -10.90 16.23 -3.43
N ALA A 216 -11.34 17.22 -4.18
CA ALA A 216 -12.66 17.19 -4.79
C ALA A 216 -12.79 16.05 -5.80
N ALA A 217 -11.67 15.71 -6.44
CA ALA A 217 -11.67 14.72 -7.50
C ALA A 217 -11.48 13.28 -6.99
N VAL A 218 -11.06 13.13 -5.73
CA VAL A 218 -10.76 11.82 -5.17
C VAL A 218 -11.57 11.47 -3.93
N MET A 219 -12.15 12.48 -3.28
CA MET A 219 -12.80 12.29 -1.98
C MET A 219 -14.26 12.72 -1.97
N VAL A 220 -15.15 11.74 -1.82
CA VAL A 220 -16.57 11.98 -1.63
C VAL A 220 -16.88 11.88 -0.14
N VAL A 221 -17.80 12.71 0.35
CA VAL A 221 -18.12 12.77 1.77
C VAL A 221 -19.63 12.78 2.01
N TYR A 222 -20.08 11.85 2.85
CA TYR A 222 -21.47 11.79 3.29
C TYR A 222 -21.59 12.29 4.72
N HIS A 223 -22.19 13.48 4.88
CA HIS A 223 -22.27 14.14 6.17
C HIS A 223 -23.55 13.75 6.93
N HIS A 224 -23.65 14.23 8.16
CA HIS A 224 -24.83 14.00 9.00
C HIS A 224 -25.93 15.00 8.63
N PRO B 5 4.38 19.09 -21.31
CA PRO B 5 5.14 18.00 -20.68
C PRO B 5 6.46 18.49 -20.10
N ALA B 6 6.38 19.29 -19.03
CA ALA B 6 7.57 19.87 -18.42
C ALA B 6 8.26 18.87 -17.50
N PHE B 7 9.46 19.23 -17.06
CA PHE B 7 10.25 18.36 -16.18
C PHE B 7 10.86 19.16 -15.02
N ILE B 8 11.05 18.48 -13.90
CA ILE B 8 11.55 19.11 -12.68
C ILE B 8 12.69 18.27 -12.10
N PRO B 9 13.77 18.94 -11.63
CA PRO B 9 14.80 18.17 -10.93
C PRO B 9 14.23 17.50 -9.68
N TYR B 10 14.60 16.26 -9.39
CA TYR B 10 14.08 15.62 -8.19
C TYR B 10 14.56 16.34 -6.95
N ALA B 11 13.61 16.81 -6.15
CA ALA B 11 13.90 17.53 -4.91
C ALA B 11 13.58 16.65 -3.71
N GLY B 12 14.58 15.89 -3.28
CA GLY B 12 14.43 14.98 -2.15
C GLY B 12 15.67 14.92 -1.30
N ALA B 13 15.48 14.73 0.01
CA ALA B 13 16.58 14.68 0.95
C ALA B 13 17.38 13.40 0.78
N GLN B 14 18.70 13.51 0.93
CA GLN B 14 19.59 12.36 0.90
C GLN B 14 20.37 12.25 2.19
N PHE B 15 20.42 11.05 2.74
CA PHE B 15 21.14 10.77 3.98
C PHE B 15 22.30 9.84 3.70
N GLU B 16 23.29 9.82 4.58
CA GLU B 16 24.35 8.84 4.50
C GLU B 16 23.78 7.47 4.85
N PRO B 17 24.48 6.39 4.47
CA PRO B 17 24.03 5.03 4.79
C PRO B 17 23.66 4.82 6.25
N GLU B 18 24.40 5.44 7.17
CA GLU B 18 24.16 5.25 8.59
C GLU B 18 22.89 5.94 9.07
N GLU B 19 22.68 7.17 8.60
CA GLU B 19 21.45 7.90 8.91
C GLU B 19 20.25 7.21 8.26
N MET B 20 20.54 6.43 7.22
CA MET B 20 19.53 5.63 6.56
C MET B 20 19.20 4.38 7.37
N LEU B 21 20.23 3.78 7.96
CA LEU B 21 20.05 2.64 8.85
C LEU B 21 19.14 3.01 10.01
N SER B 22 19.44 4.16 10.61
CA SER B 22 18.66 4.66 11.74
C SER B 22 17.18 4.84 11.39
N LYS B 23 16.93 5.60 10.33
CA LYS B 23 15.56 5.93 9.95
C LYS B 23 14.79 4.71 9.44
N SER B 24 15.49 3.84 8.71
CA SER B 24 14.86 2.62 8.21
C SER B 24 14.49 1.69 9.36
N ALA B 25 15.32 1.69 10.40
CA ALA B 25 15.07 0.88 11.59
C ALA B 25 14.05 1.56 12.49
N GLU B 26 14.15 2.88 12.60
CA GLU B 26 13.22 3.66 13.41
C GLU B 26 11.81 3.56 12.87
N TYR B 27 11.69 3.48 11.55
CA TYR B 27 10.38 3.43 10.90
C TYR B 27 9.80 2.02 10.93
N TYR B 28 10.66 1.02 10.89
CA TYR B 28 10.21 -0.37 10.98
C TYR B 28 9.57 -0.65 12.34
N GLN B 29 10.21 -0.20 13.41
CA GLN B 29 9.70 -0.44 14.75
C GLN B 29 8.42 0.36 15.00
N PHE B 30 8.32 1.54 14.40
CA PHE B 30 7.09 2.34 14.53
C PHE B 30 5.93 1.66 13.82
N MET B 31 6.21 1.08 12.67
CA MET B 31 5.18 0.42 11.87
C MET B 31 4.85 -0.96 12.44
N ASP B 32 5.78 -1.54 13.19
CA ASP B 32 5.53 -2.84 13.82
C ASP B 32 4.49 -2.69 14.94
N HIS B 33 4.42 -1.49 15.51
CA HIS B 33 3.48 -1.19 16.58
C HIS B 33 2.04 -1.05 16.06
N ARG B 34 1.87 -1.02 14.74
CA ARG B 34 0.55 -0.93 14.15
C ARG B 34 -0.17 -2.26 14.25
N ARG B 35 -1.43 -2.22 14.67
CA ARG B 35 -2.26 -3.41 14.73
C ARG B 35 -3.68 -3.11 14.28
N THR B 36 -4.31 -4.11 13.68
CA THR B 36 -5.72 -4.03 13.35
C THR B 36 -6.55 -4.04 14.63
N VAL B 37 -7.28 -2.95 14.86
CA VAL B 37 -8.12 -2.80 16.04
C VAL B 37 -9.59 -2.92 15.64
N ARG B 38 -10.31 -3.78 16.36
CA ARG B 38 -11.72 -4.06 16.05
C ARG B 38 -12.66 -3.50 17.13
N GLU B 39 -12.07 -2.86 18.13
CA GLU B 39 -12.84 -2.18 19.19
C GLU B 39 -12.55 -0.69 19.16
N PHE B 40 -13.51 0.09 18.68
CA PHE B 40 -13.31 1.52 18.45
C PHE B 40 -13.94 2.40 19.53
N SER B 41 -13.43 3.63 19.62
CA SER B 41 -14.01 4.66 20.48
C SER B 41 -14.82 5.63 19.62
N ASN B 42 -15.92 6.12 20.17
CA ASN B 42 -16.80 7.02 19.43
C ASN B 42 -16.33 8.47 19.48
N ARG B 43 -15.13 8.69 20.03
CA ARG B 43 -14.58 10.03 20.14
C ARG B 43 -14.48 10.69 18.76
N ALA B 44 -15.06 11.88 18.65
CA ALA B 44 -15.10 12.61 17.39
C ALA B 44 -13.70 12.97 16.92
N ILE B 45 -13.46 12.80 15.62
CA ILE B 45 -12.20 13.18 15.00
C ILE B 45 -12.47 14.29 13.99
N PRO B 46 -11.64 15.36 14.00
CA PRO B 46 -11.84 16.44 13.03
C PRO B 46 -11.79 15.91 11.59
N LEU B 47 -12.75 16.33 10.77
CA LEU B 47 -12.83 15.86 9.39
C LEU B 47 -11.55 16.17 8.63
N GLU B 48 -10.88 17.25 9.01
CA GLU B 48 -9.66 17.68 8.32
C GLU B 48 -8.51 16.69 8.53
N VAL B 49 -8.49 16.04 9.69
CA VAL B 49 -7.49 15.01 9.96
C VAL B 49 -7.57 13.95 8.87
N ILE B 50 -8.78 13.44 8.67
CA ILE B 50 -8.99 12.35 7.72
C ILE B 50 -8.90 12.87 6.27
N GLU B 51 -9.13 14.16 6.07
CA GLU B 51 -8.93 14.76 4.76
C GLU B 51 -7.47 14.62 4.34
N ASN B 52 -6.56 14.93 5.26
CA ASN B 52 -5.14 14.79 5.00
C ASN B 52 -4.77 13.32 4.77
N ILE B 53 -5.33 12.44 5.59
CA ILE B 53 -5.08 11.00 5.47
C ILE B 53 -5.48 10.49 4.08
N VAL B 54 -6.63 10.93 3.60
CA VAL B 54 -7.13 10.50 2.30
C VAL B 54 -6.26 11.06 1.17
N MET B 55 -5.79 12.28 1.33
CA MET B 55 -4.96 12.89 0.29
C MET B 55 -3.56 12.31 0.33
N THR B 56 -3.12 11.89 1.52
CA THR B 56 -1.84 11.20 1.67
C THR B 56 -1.90 9.90 0.87
N ALA B 57 -3.02 9.19 0.98
CA ALA B 57 -3.23 7.97 0.21
C ALA B 57 -3.19 8.28 -1.28
N SER B 58 -3.67 9.47 -1.64
CA SER B 58 -3.82 9.84 -3.04
C SER B 58 -2.49 10.17 -3.70
N THR B 59 -1.45 10.35 -2.89
CA THR B 59 -0.11 10.61 -3.43
C THR B 59 0.54 9.33 -3.93
N ALA B 60 -0.13 8.21 -3.75
CA ALA B 60 0.41 6.92 -4.18
C ALA B 60 0.67 6.92 -5.68
N PRO B 61 1.65 6.11 -6.13
CA PRO B 61 1.83 5.97 -7.58
C PRO B 61 0.64 5.23 -8.19
N SER B 62 0.43 5.43 -9.50
CA SER B 62 -0.64 4.75 -10.21
C SER B 62 -0.26 4.53 -11.66
N GLY B 63 -0.77 3.45 -12.23
CA GLY B 63 -0.55 3.17 -13.63
C GLY B 63 -0.96 4.36 -14.49
N ALA B 64 0.00 4.92 -15.21
CA ALA B 64 -0.24 6.03 -16.13
C ALA B 64 -0.75 7.29 -15.43
N HIS B 65 -0.48 7.41 -14.14
CA HIS B 65 -0.89 8.57 -13.35
C HIS B 65 -2.40 8.80 -13.42
N LYS B 66 -3.16 7.74 -13.61
CA LYS B 66 -4.62 7.84 -13.65
C LYS B 66 -5.20 8.06 -12.26
N GLN B 67 -4.49 7.59 -11.24
CA GLN B 67 -4.98 7.66 -9.86
C GLN B 67 -6.42 7.14 -9.78
N PRO B 68 -6.63 5.89 -10.22
CA PRO B 68 -7.99 5.35 -10.35
C PRO B 68 -8.62 4.96 -9.01
N TRP B 69 -8.85 5.94 -8.15
CA TRP B 69 -9.47 5.67 -6.86
C TRP B 69 -10.42 6.78 -6.41
N THR B 70 -11.43 6.36 -5.65
CA THR B 70 -12.35 7.29 -5.00
C THR B 70 -12.47 6.90 -3.53
N PHE B 71 -12.19 7.85 -2.65
CA PHE B 71 -12.28 7.62 -1.21
C PHE B 71 -13.58 8.19 -0.66
N VAL B 72 -14.56 7.31 -0.44
CA VAL B 72 -15.85 7.72 0.10
C VAL B 72 -15.80 7.68 1.62
N VAL B 73 -15.83 8.86 2.23
CA VAL B 73 -15.79 8.98 3.69
C VAL B 73 -17.21 9.10 4.23
N VAL B 74 -17.56 8.21 5.16
CA VAL B 74 -18.90 8.12 5.70
C VAL B 74 -18.91 8.38 7.21
N SER B 75 -19.50 9.51 7.61
CA SER B 75 -19.66 9.85 9.02
C SER B 75 -21.12 9.76 9.44
N ASP B 76 -22.03 9.80 8.46
CA ASP B 76 -23.46 9.74 8.71
C ASP B 76 -23.84 8.47 9.47
N PRO B 77 -24.28 8.61 10.74
CA PRO B 77 -24.63 7.42 11.54
C PRO B 77 -25.73 6.58 10.89
N GLN B 78 -26.53 7.19 10.04
CA GLN B 78 -27.64 6.49 9.39
C GLN B 78 -27.13 5.54 8.31
N ILE B 79 -26.18 6.01 7.50
CA ILE B 79 -25.62 5.19 6.44
C ILE B 79 -24.64 4.17 7.04
N LYS B 80 -23.97 4.56 8.12
CA LYS B 80 -23.07 3.66 8.83
C LYS B 80 -23.84 2.47 9.40
N ALA B 81 -25.07 2.72 9.84
CA ALA B 81 -25.89 1.68 10.47
C ALA B 81 -26.49 0.75 9.42
N LYS B 82 -26.79 1.29 8.24
CA LYS B 82 -27.31 0.47 7.14
C LYS B 82 -26.22 -0.41 6.57
N ILE B 83 -25.00 0.14 6.50
CA ILE B 83 -23.85 -0.61 6.02
C ILE B 83 -23.52 -1.72 7.00
N ARG B 84 -23.66 -1.43 8.29
CA ARG B 84 -23.47 -2.42 9.34
C ARG B 84 -24.40 -3.60 9.15
N GLN B 85 -25.67 -3.31 8.94
CA GLN B 85 -26.70 -4.34 8.81
C GLN B 85 -26.41 -5.29 7.64
N ALA B 86 -26.20 -4.70 6.46
CA ALA B 86 -25.98 -5.48 5.24
C ALA B 86 -24.69 -6.31 5.34
N ALA B 87 -23.71 -5.76 6.03
CA ALA B 87 -22.44 -6.46 6.23
C ALA B 87 -22.66 -7.69 7.11
N GLU B 88 -23.52 -7.55 8.12
CA GLU B 88 -23.81 -8.64 9.03
C GLU B 88 -24.63 -9.74 8.36
N LYS B 89 -25.60 -9.34 7.54
CA LYS B 89 -26.43 -10.30 6.82
C LYS B 89 -25.58 -11.14 5.86
N GLU B 90 -24.65 -10.47 5.18
CA GLU B 90 -23.76 -11.13 4.24
C GLU B 90 -22.82 -12.10 4.96
N GLU B 91 -22.23 -11.64 6.06
CA GLU B 91 -21.30 -12.45 6.84
C GLU B 91 -22.05 -13.50 7.65
N PHE B 92 -23.37 -13.34 7.74
CA PHE B 92 -24.21 -14.27 8.50
C PHE B 92 -24.21 -15.65 7.87
N GLU B 93 -24.16 -15.70 6.53
CA GLU B 93 -24.12 -16.97 5.81
C GLU B 93 -22.82 -17.72 6.10
N SER B 94 -22.95 -18.86 6.77
CA SER B 94 -21.80 -19.66 7.16
C SER B 94 -22.19 -21.12 7.32
N HIS B 115 -22.66 -8.66 14.70
CA HIS B 115 -21.31 -9.21 14.62
C HIS B 115 -20.30 -8.16 14.13
N LYS B 116 -20.75 -6.91 13.99
CA LYS B 116 -19.88 -5.85 13.49
C LYS B 116 -20.23 -4.48 14.08
N PRO B 117 -20.06 -4.32 15.40
CA PRO B 117 -20.36 -3.05 16.05
C PRO B 117 -19.49 -1.89 15.56
N PHE B 118 -18.26 -2.19 15.17
CA PHE B 118 -17.28 -1.17 14.81
C PHE B 118 -17.71 -0.27 13.64
N LEU B 119 -18.54 -0.80 12.74
CA LEU B 119 -18.99 -0.04 11.58
C LEU B 119 -19.87 1.16 11.96
N GLU B 120 -20.44 1.13 13.17
CA GLU B 120 -21.24 2.24 13.67
C GLU B 120 -20.48 3.06 14.68
N ILE B 121 -19.67 2.39 15.50
CA ILE B 121 -18.93 3.05 16.57
C ILE B 121 -17.87 3.97 16.00
N ALA B 122 -17.08 3.48 15.06
CA ALA B 122 -16.02 4.28 14.44
C ALA B 122 -16.62 5.54 13.83
N PRO B 123 -16.07 6.72 14.17
CA PRO B 123 -16.66 7.97 13.68
C PRO B 123 -16.61 8.13 12.16
N TYR B 124 -15.79 7.32 11.49
CA TYR B 124 -15.66 7.39 10.04
C TYR B 124 -15.46 6.02 9.41
N LEU B 125 -16.10 5.82 8.26
CA LEU B 125 -15.80 4.68 7.39
C LEU B 125 -15.21 5.20 6.08
N ILE B 126 -13.98 4.80 5.78
CA ILE B 126 -13.36 5.14 4.50
C ILE B 126 -13.52 3.98 3.52
N VAL B 127 -14.51 4.10 2.66
CA VAL B 127 -14.79 3.08 1.65
C VAL B 127 -14.00 3.40 0.38
N VAL B 128 -12.97 2.62 0.11
CA VAL B 128 -12.12 2.82 -1.05
C VAL B 128 -12.75 2.18 -2.29
N PHE B 129 -12.90 2.97 -3.34
CA PHE B 129 -13.39 2.46 -4.62
C PHE B 129 -12.26 2.50 -5.64
N ARG B 130 -12.24 1.50 -6.52
CA ARG B 130 -11.27 1.47 -7.62
C ARG B 130 -11.98 1.70 -8.95
N LYS B 131 -11.33 2.47 -9.82
CA LYS B 131 -11.91 2.81 -11.12
C LYS B 131 -11.34 1.93 -12.23
N ALA B 132 -12.19 1.08 -12.80
CA ALA B 132 -11.78 0.23 -13.91
C ALA B 132 -11.41 1.09 -15.12
N TYR B 133 -12.00 2.29 -15.21
CA TYR B 133 -11.74 3.20 -16.31
C TYR B 133 -12.23 4.61 -15.99
N ASP B 134 -11.73 5.59 -16.76
CA ASP B 134 -12.22 6.96 -16.67
C ASP B 134 -13.25 7.20 -17.76
N VAL B 135 -14.19 8.09 -17.50
CA VAL B 135 -15.20 8.49 -18.47
C VAL B 135 -14.98 9.93 -18.89
N LEU B 136 -14.59 10.13 -20.15
CA LEU B 136 -14.30 11.46 -20.66
C LEU B 136 -15.59 12.28 -20.80
N PRO B 137 -15.46 13.61 -20.93
CA PRO B 137 -16.65 14.46 -21.12
C PRO B 137 -17.49 14.06 -22.34
N ASP B 138 -16.85 13.57 -23.38
CA ASP B 138 -17.55 13.18 -24.60
C ASP B 138 -18.16 11.78 -24.48
N GLY B 139 -18.15 11.22 -23.28
CA GLY B 139 -18.80 9.95 -23.01
C GLY B 139 -17.96 8.73 -23.32
N THR B 140 -16.76 8.96 -23.85
CA THR B 140 -15.86 7.85 -24.19
C THR B 140 -15.18 7.30 -22.94
N GLN B 141 -14.87 6.01 -22.96
CA GLN B 141 -14.22 5.34 -21.84
C GLN B 141 -12.73 5.13 -22.09
N ARG B 142 -11.92 5.73 -21.23
CA ARG B 142 -10.47 5.63 -21.30
C ARG B 142 -9.97 4.66 -20.23
N LYS B 143 -9.52 3.49 -20.66
CA LYS B 143 -9.21 2.41 -19.73
C LYS B 143 -8.01 2.71 -18.83
N ASN B 144 -8.09 2.23 -17.60
CA ASN B 144 -7.02 2.42 -16.62
C ASN B 144 -6.02 1.26 -16.66
N TYR B 145 -4.91 1.42 -15.95
CA TYR B 145 -3.82 0.47 -15.97
C TYR B 145 -3.42 0.02 -14.57
N TYR B 146 -3.38 -1.29 -14.37
CA TYR B 146 -2.97 -1.89 -13.10
C TYR B 146 -3.70 -1.24 -11.92
N VAL B 147 -5.02 -1.32 -11.97
CA VAL B 147 -5.87 -0.64 -11.00
C VAL B 147 -5.78 -1.30 -9.62
N GLN B 148 -5.89 -2.63 -9.58
CA GLN B 148 -5.87 -3.38 -8.32
C GLN B 148 -4.65 -3.01 -7.48
N GLU B 149 -3.46 -3.12 -8.07
CA GLU B 149 -2.23 -2.84 -7.33
C GLU B 149 -2.06 -1.37 -7.02
N SER B 150 -2.46 -0.51 -7.96
CA SER B 150 -2.40 0.94 -7.75
C SER B 150 -3.22 1.34 -6.52
N VAL B 151 -4.47 0.90 -6.48
CA VAL B 151 -5.36 1.22 -5.36
C VAL B 151 -4.88 0.53 -4.09
N GLY B 152 -4.39 -0.70 -4.22
CA GLY B 152 -3.85 -1.44 -3.08
C GLY B 152 -2.71 -0.68 -2.44
N ILE B 153 -1.80 -0.17 -3.26
CA ILE B 153 -0.69 0.65 -2.79
C ILE B 153 -1.24 1.89 -2.06
N ALA B 154 -2.22 2.54 -2.68
CA ALA B 154 -2.83 3.74 -2.10
C ALA B 154 -3.44 3.45 -0.73
N CYS B 155 -4.05 2.27 -0.62
CA CYS B 155 -4.59 1.81 0.65
C CYS B 155 -3.48 1.55 1.67
N GLY B 156 -2.29 1.22 1.17
CA GLY B 156 -1.12 1.10 2.01
C GLY B 156 -0.74 2.44 2.59
N PHE B 157 -0.67 3.47 1.74
CA PHE B 157 -0.40 4.82 2.20
C PHE B 157 -1.47 5.28 3.19
N LEU B 158 -2.72 4.91 2.93
CA LEU B 158 -3.84 5.28 3.80
C LEU B 158 -3.62 4.76 5.22
N LEU B 159 -3.33 3.47 5.34
CA LEU B 159 -3.10 2.85 6.63
C LEU B 159 -1.84 3.38 7.30
N ALA B 160 -0.87 3.78 6.49
CA ALA B 160 0.35 4.40 7.00
C ALA B 160 0.02 5.77 7.59
N ALA B 161 -0.82 6.52 6.89
CA ALA B 161 -1.25 7.83 7.33
C ALA B 161 -2.09 7.73 8.60
N ILE B 162 -2.98 6.75 8.63
CA ILE B 162 -3.81 6.50 9.81
C ILE B 162 -2.91 6.24 11.02
N HIS B 163 -1.94 5.36 10.85
CA HIS B 163 -1.03 5.00 11.94
C HIS B 163 -0.17 6.19 12.33
N GLN B 164 0.19 7.01 11.36
CA GLN B 164 0.98 8.21 11.61
C GLN B 164 0.21 9.18 12.49
N ALA B 165 -1.11 9.23 12.30
CA ALA B 165 -1.96 10.17 13.01
C ALA B 165 -2.31 9.66 14.42
N GLY B 166 -1.73 8.54 14.82
CA GLY B 166 -2.02 7.96 16.11
C GLY B 166 -3.42 7.39 16.18
N LEU B 167 -4.00 7.12 15.01
CA LEU B 167 -5.31 6.50 14.92
C LEU B 167 -5.15 5.01 14.64
N VAL B 168 -6.28 4.29 14.63
CA VAL B 168 -6.28 2.88 14.32
C VAL B 168 -7.38 2.57 13.32
N ALA B 169 -7.28 1.41 12.68
CA ALA B 169 -8.19 1.05 11.59
C ALA B 169 -8.49 -0.44 11.61
N LEU B 170 -9.50 -0.82 10.83
CA LEU B 170 -9.84 -2.21 10.61
C LEU B 170 -10.00 -2.45 9.12
N THR B 171 -8.91 -2.82 8.47
CA THR B 171 -8.95 -3.19 7.06
C THR B 171 -9.98 -4.30 6.92
N HIS B 172 -11.01 -4.06 6.11
CA HIS B 172 -12.16 -4.97 6.06
C HIS B 172 -12.62 -5.18 4.62
N THR B 173 -13.19 -6.36 4.37
CA THR B 173 -13.73 -6.69 3.06
CA THR B 173 -13.74 -6.69 3.06
C THR B 173 -14.81 -5.67 2.65
N PRO B 174 -14.86 -5.33 1.35
CA PRO B 174 -15.89 -4.40 0.89
C PRO B 174 -17.21 -5.12 0.60
N SER B 175 -17.74 -5.80 1.61
CA SER B 175 -18.92 -6.64 1.46
C SER B 175 -20.14 -6.08 2.18
N PRO B 176 -21.33 -6.16 1.55
CA PRO B 176 -21.55 -6.61 0.16
C PRO B 176 -21.24 -5.49 -0.83
N MET B 177 -20.65 -5.84 -1.97
CA MET B 177 -20.23 -4.85 -2.94
C MET B 177 -21.40 -4.11 -3.57
N ASN B 178 -22.42 -4.87 -4.00
CA ASN B 178 -23.60 -4.28 -4.64
C ASN B 178 -24.28 -3.25 -3.75
N PHE B 179 -24.34 -3.54 -2.45
CA PHE B 179 -24.96 -2.63 -1.49
C PHE B 179 -24.14 -1.36 -1.34
N LEU B 180 -22.86 -1.51 -1.02
CA LEU B 180 -21.95 -0.38 -0.86
C LEU B 180 -21.92 0.48 -2.12
N GLN B 181 -22.00 -0.16 -3.27
CA GLN B 181 -22.05 0.55 -4.55
C GLN B 181 -23.31 1.40 -4.65
N LYS B 182 -24.44 0.80 -4.29
CA LYS B 182 -25.74 1.47 -4.41
C LYS B 182 -25.93 2.57 -3.38
N ILE B 183 -25.74 2.25 -2.11
CA ILE B 183 -26.06 3.19 -1.03
C ILE B 183 -25.13 4.41 -1.06
N LEU B 184 -23.91 4.22 -1.55
CA LEU B 184 -22.96 5.32 -1.64
C LEU B 184 -23.03 5.98 -3.02
N GLN B 185 -23.86 5.42 -3.90
CA GLN B 185 -24.18 6.04 -5.17
C GLN B 185 -22.94 6.30 -6.02
N ARG B 186 -22.14 5.26 -6.23
CA ARG B 186 -20.95 5.36 -7.07
C ARG B 186 -21.26 4.85 -8.47
N PRO B 187 -20.63 5.45 -9.50
CA PRO B 187 -20.90 5.09 -10.89
C PRO B 187 -20.39 3.71 -11.30
N GLU B 188 -20.75 3.30 -12.50
CA GLU B 188 -20.42 1.96 -13.01
C GLU B 188 -18.91 1.71 -13.08
N ASN B 189 -18.16 2.75 -13.44
CA ASN B 189 -16.72 2.60 -13.63
C ASN B 189 -16.00 2.28 -12.32
N GLU B 190 -16.69 2.45 -11.19
CA GLU B 190 -16.12 2.20 -9.88
C GLU B 190 -16.63 0.90 -9.27
N ARG B 191 -15.84 0.32 -8.37
CA ARG B 191 -16.23 -0.86 -7.60
C ARG B 191 -15.59 -0.77 -6.23
N PRO B 192 -16.32 -1.18 -5.17
CA PRO B 192 -15.72 -1.19 -3.83
C PRO B 192 -14.45 -2.04 -3.74
N PHE B 193 -13.37 -1.46 -3.20
CA PHE B 193 -12.10 -2.16 -3.08
C PHE B 193 -11.85 -2.58 -1.63
N LEU B 194 -12.05 -1.64 -0.71
CA LEU B 194 -11.92 -1.92 0.72
C LEU B 194 -12.81 -1.02 1.57
N LEU B 195 -13.22 -1.58 2.71
CA LEU B 195 -13.95 -0.83 3.73
C LEU B 195 -13.07 -0.75 4.97
N VAL B 196 -12.90 0.45 5.51
CA VAL B 196 -12.02 0.64 6.66
C VAL B 196 -12.60 1.62 7.67
N PRO B 197 -13.06 1.11 8.83
CA PRO B 197 -13.42 2.05 9.90
C PRO B 197 -12.18 2.74 10.43
N VAL B 198 -12.31 4.01 10.81
CA VAL B 198 -11.18 4.76 11.34
C VAL B 198 -11.63 5.50 12.59
N GLY B 199 -10.79 5.47 13.62
CA GLY B 199 -11.11 6.13 14.86
C GLY B 199 -10.06 5.88 15.93
N TYR B 200 -10.31 6.42 17.12
CA TYR B 200 -9.51 6.09 18.28
C TYR B 200 -9.76 4.65 18.68
N PRO B 201 -8.83 4.04 19.42
CA PRO B 201 -9.07 2.70 19.95
C PRO B 201 -9.95 2.74 21.20
N ALA B 202 -10.65 1.65 21.48
CA ALA B 202 -11.47 1.56 22.68
C ALA B 202 -10.60 1.59 23.93
N GLU B 203 -11.21 1.82 25.09
CA GLU B 203 -10.48 1.85 26.35
C GLU B 203 -9.78 0.53 26.63
N GLY B 204 -10.56 -0.54 26.74
CA GLY B 204 -10.03 -1.86 27.00
C GLY B 204 -9.76 -2.60 25.70
N ALA B 205 -9.20 -1.89 24.73
CA ALA B 205 -8.95 -2.47 23.41
C ALA B 205 -7.91 -3.58 23.47
N MET B 206 -8.35 -4.80 23.16
CA MET B 206 -7.47 -5.96 23.08
C MET B 206 -7.29 -6.39 21.63
N VAL B 207 -6.05 -6.71 21.26
CA VAL B 207 -5.75 -7.26 19.94
C VAL B 207 -5.24 -8.69 20.10
N PRO B 208 -5.44 -9.53 19.06
CA PRO B 208 -4.92 -10.90 19.16
C PRO B 208 -3.41 -10.92 19.29
N ASP B 209 -2.88 -11.80 20.13
CA ASP B 209 -1.44 -11.91 20.31
C ASP B 209 -0.82 -12.62 19.11
N LEU B 210 -0.82 -11.94 17.97
CA LEU B 210 -0.25 -12.48 16.74
C LEU B 210 1.24 -12.25 16.71
N GLN B 211 1.94 -13.05 15.92
CA GLN B 211 3.37 -12.89 15.70
C GLN B 211 3.66 -12.88 14.21
N ARG B 212 4.33 -11.84 13.75
CA ARG B 212 4.61 -11.69 12.33
C ARG B 212 5.75 -12.61 11.89
N LYS B 213 5.72 -13.00 10.62
CA LYS B 213 6.80 -13.80 10.05
C LYS B 213 8.14 -13.11 10.22
N ASP B 214 9.22 -13.88 10.24
CA ASP B 214 10.56 -13.34 10.36
C ASP B 214 11.15 -13.12 8.97
N LYS B 215 12.34 -12.53 8.91
CA LYS B 215 13.01 -12.24 7.65
C LYS B 215 13.11 -13.47 6.75
N ALA B 216 13.32 -14.63 7.37
CA ALA B 216 13.55 -15.85 6.61
C ALA B 216 12.33 -16.29 5.81
N ALA B 217 11.15 -16.05 6.36
CA ALA B 217 9.92 -16.59 5.78
C ALA B 217 9.27 -15.68 4.72
N VAL B 218 9.79 -14.46 4.55
CA VAL B 218 9.21 -13.52 3.60
C VAL B 218 10.23 -12.85 2.68
N MET B 219 11.52 -12.97 3.02
CA MET B 219 12.58 -12.30 2.27
C MET B 219 13.62 -13.28 1.74
N VAL B 220 13.77 -13.29 0.42
CA VAL B 220 14.78 -14.08 -0.26
C VAL B 220 15.80 -13.14 -0.91
N VAL B 221 17.05 -13.24 -0.49
CA VAL B 221 18.11 -12.34 -0.96
C VAL B 221 19.08 -13.06 -1.89
N TYR B 222 19.29 -12.48 -3.07
CA TYR B 222 20.27 -12.98 -4.03
C TYR B 222 21.53 -12.13 -4.03
N HIS B 223 22.55 -12.60 -3.32
CA HIS B 223 23.84 -11.91 -3.24
C HIS B 223 24.64 -12.13 -4.53
N HIS B 224 25.90 -11.69 -4.52
CA HIS B 224 26.79 -11.86 -5.66
C HIS B 224 27.43 -13.25 -5.63
#